data_9ETV
#
_entry.id   9ETV
#
_cell.length_a   113.382
_cell.length_b   113.382
_cell.length_c   213.926
_cell.angle_alpha   90
_cell.angle_beta   90
_cell.angle_gamma   120
#
_symmetry.space_group_name_H-M   'P 64 2 2'
#
loop_
_entity.id
_entity.type
_entity.pdbx_description
1 polymer 'Tryptophan 2,3-dioxygenase'
2 non-polymer 'PROTOPORPHYRIN IX CONTAINING FE'
3 non-polymer 6-methylimidazo[1,5-a]pyridine
4 water water
#
_entity_poly.entity_id   1
_entity_poly.type   'polypeptide(L)'
_entity_poly.pdbx_seq_one_letter_code
;MGKIYGEYLMLDKLLDAQCMLSEEDKRPVHDEHLFIITHQAYELWFKQIIFEFDSIRDMLDAEVIDETKTLEIVKRLNRV
VLILKLLVDQVPILETMTPLDFMDFRKYLAPASGFQSLQFRLIENKLGVLTEQRVRYNQKYSDVFSDEEARNSIRNSEKD
PSLLELVQRWLERTPGLEESGFNFWAKFQESVDRFLEAQVQSAMEEPVEKAKNYRLMDIEKRREVYRSIFDPAVHDALVR
RGDRRFSHRALQGAIMITFYRDEPRFSQPHQLLTLLMDIDSLITKWRYNHVIMVQRMIGSQQLGTGGSSGYQYLRSTLSD
RYKVFLDLFNLSTFLIPREAIPPLDETIRKKLINKSVLEHHHHHH
;
_entity_poly.pdbx_strand_id   A
#
# COMPACT_ATOMS: atom_id res chain seq x y z
N GLY A 2 14.86 29.61 -13.88
CA GLY A 2 15.51 29.88 -15.16
C GLY A 2 14.57 30.14 -16.31
N LYS A 3 15.08 30.16 -17.57
CA LYS A 3 14.23 30.42 -18.75
C LYS A 3 14.49 29.44 -19.90
N ILE A 4 15.77 29.21 -20.30
CA ILE A 4 16.07 28.22 -21.33
C ILE A 4 16.13 26.81 -20.71
N TYR A 5 16.03 25.74 -21.53
CA TYR A 5 15.96 24.33 -21.12
C TYR A 5 16.78 24.00 -19.82
N GLY A 6 18.10 24.13 -19.86
CA GLY A 6 18.97 23.81 -18.73
C GLY A 6 18.83 24.72 -17.53
N GLU A 7 18.40 25.96 -17.75
CA GLU A 7 18.20 26.91 -16.65
C GLU A 7 16.87 26.62 -15.95
N TYR A 8 15.83 26.25 -16.74
CA TYR A 8 14.50 25.91 -16.26
C TYR A 8 14.59 24.64 -15.40
N LEU A 9 15.32 23.63 -15.91
CA LEU A 9 15.51 22.35 -15.25
C LEU A 9 16.67 22.34 -14.26
N MET A 10 17.36 23.47 -14.05
CA MET A 10 18.50 23.61 -13.15
C MET A 10 19.52 22.49 -13.32
N LEU A 11 19.80 22.14 -14.58
CA LEU A 11 20.74 21.09 -14.94
C LEU A 11 22.16 21.37 -14.43
N ASP A 12 22.48 22.64 -14.13
CA ASP A 12 23.77 23.03 -13.59
C ASP A 12 23.92 22.48 -12.16
N LYS A 13 22.81 22.44 -11.40
CA LYS A 13 22.79 21.91 -10.04
C LYS A 13 22.66 20.36 -10.13
N LEU A 14 21.65 19.88 -10.88
CA LEU A 14 21.31 18.46 -11.05
C LEU A 14 22.43 17.60 -11.58
N LEU A 15 23.13 18.10 -12.61
CA LEU A 15 24.22 17.32 -13.21
C LEU A 15 25.57 17.59 -12.57
N ASP A 16 25.58 18.24 -11.39
CA ASP A 16 26.77 18.43 -10.57
C ASP A 16 26.62 17.69 -9.21
N ALA A 17 25.72 16.69 -9.12
CA ALA A 17 25.50 15.93 -7.89
C ALA A 17 25.98 14.47 -8.00
N GLN A 18 26.88 14.17 -8.95
CA GLN A 18 27.36 12.79 -9.17
C GLN A 18 28.83 12.65 -8.84
N CYS A 19 29.09 12.38 -7.57
CA CYS A 19 30.44 12.24 -7.05
C CYS A 19 30.78 10.80 -6.70
N MET A 20 31.56 10.13 -7.55
CA MET A 20 31.98 8.76 -7.27
C MET A 20 33.10 8.80 -6.24
N LEU A 21 32.90 8.17 -5.09
CA LEU A 21 33.93 8.13 -4.04
C LEU A 21 35.12 7.26 -4.44
N SER A 22 34.91 6.26 -5.32
CA SER A 22 36.02 5.44 -5.81
C SER A 22 36.92 6.30 -6.73
N GLU A 23 36.33 7.29 -7.44
CA GLU A 23 37.08 8.19 -8.30
C GLU A 23 37.91 9.17 -7.47
N GLU A 24 37.30 9.80 -6.43
CA GLU A 24 38.03 10.72 -5.56
C GLU A 24 39.16 10.01 -4.77
N ASP A 25 39.07 8.68 -4.59
CA ASP A 25 40.11 7.88 -3.94
C ASP A 25 41.11 7.28 -4.98
N LYS A 26 41.10 7.77 -6.23
CA LYS A 26 41.97 7.35 -7.34
C LYS A 26 41.97 5.83 -7.60
N ARG A 27 40.85 5.17 -7.32
CA ARG A 27 40.63 3.74 -7.59
C ARG A 27 39.20 3.66 -8.19
N PRO A 28 38.96 4.22 -9.41
CA PRO A 28 37.57 4.27 -9.91
C PRO A 28 36.97 2.94 -10.36
N VAL A 29 35.70 2.71 -9.94
CA VAL A 29 34.89 1.52 -10.28
C VAL A 29 33.76 2.00 -11.17
N HIS A 30 33.82 1.70 -12.47
CA HIS A 30 32.87 2.15 -13.49
C HIS A 30 31.39 2.11 -13.07
N ASP A 31 30.90 0.97 -12.58
CA ASP A 31 29.49 0.79 -12.20
C ASP A 31 29.05 1.63 -10.98
N GLU A 32 29.98 2.33 -10.30
CA GLU A 32 29.59 3.20 -9.19
C GLU A 32 28.78 4.41 -9.71
N HIS A 33 29.02 4.81 -10.98
CA HIS A 33 28.28 5.90 -11.64
C HIS A 33 26.81 5.47 -11.79
N LEU A 34 26.57 4.20 -12.19
CA LEU A 34 25.25 3.61 -12.35
C LEU A 34 24.55 3.53 -11.01
N PHE A 35 25.30 3.18 -9.93
CA PHE A 35 24.78 3.06 -8.57
C PHE A 35 24.24 4.41 -8.12
N ILE A 36 24.99 5.47 -8.35
CA ILE A 36 24.58 6.83 -7.98
C ILE A 36 23.36 7.27 -8.79
N ILE A 37 23.46 7.23 -10.14
CA ILE A 37 22.40 7.64 -11.04
C ILE A 37 21.09 6.89 -10.75
N THR A 38 21.16 5.58 -10.52
CA THR A 38 19.96 4.80 -10.20
C THR A 38 19.26 5.31 -8.96
N HIS A 39 20.03 5.59 -7.88
CA HIS A 39 19.45 6.07 -6.64
C HIS A 39 18.88 7.45 -6.79
N GLN A 40 19.55 8.31 -7.53
CA GLN A 40 19.06 9.67 -7.78
C GLN A 40 17.76 9.66 -8.61
N ALA A 41 17.62 8.72 -9.57
CA ALA A 41 16.37 8.61 -10.34
C ALA A 41 15.26 8.16 -9.37
N TYR A 42 15.55 7.23 -8.46
CA TYR A 42 14.59 6.81 -7.42
C TYR A 42 14.19 8.02 -6.55
N GLU A 43 15.18 8.77 -6.05
CA GLU A 43 14.92 9.92 -5.19
C GLU A 43 14.14 11.02 -5.89
N LEU A 44 14.38 11.25 -7.19
CA LEU A 44 13.59 12.22 -7.95
C LEU A 44 12.12 11.77 -8.00
N TRP A 45 11.87 10.49 -8.33
CA TRP A 45 10.50 9.98 -8.38
C TRP A 45 9.85 9.85 -7.00
N PHE A 46 10.65 9.66 -5.90
CA PHE A 46 10.12 9.63 -4.54
C PHE A 46 9.54 11.02 -4.22
N LYS A 47 10.26 12.10 -4.61
CA LYS A 47 9.81 13.48 -4.43
C LYS A 47 8.49 13.71 -5.19
N GLN A 48 8.37 13.18 -6.41
CA GLN A 48 7.14 13.31 -7.18
C GLN A 48 6.00 12.58 -6.49
N ILE A 49 6.24 11.35 -6.00
CA ILE A 49 5.25 10.55 -5.27
C ILE A 49 4.76 11.33 -4.04
N ILE A 50 5.70 11.87 -3.23
CA ILE A 50 5.37 12.68 -2.04
C ILE A 50 4.51 13.89 -2.43
N PHE A 51 4.90 14.60 -3.49
CA PHE A 51 4.16 15.75 -3.98
C PHE A 51 2.73 15.40 -4.35
N GLU A 52 2.53 14.25 -5.02
CA GLU A 52 1.19 13.80 -5.37
C GLU A 52 0.42 13.36 -4.13
N PHE A 53 1.08 12.66 -3.18
CA PHE A 53 0.46 12.16 -1.96
C PHE A 53 -0.05 13.29 -1.09
N ASP A 54 0.75 14.34 -0.92
CA ASP A 54 0.40 15.50 -0.12
C ASP A 54 -0.77 16.25 -0.76
N SER A 55 -0.85 16.31 -2.10
CA SER A 55 -1.96 16.98 -2.75
C SER A 55 -3.26 16.17 -2.60
N ILE A 56 -3.17 14.83 -2.59
CA ILE A 56 -4.32 13.94 -2.37
C ILE A 56 -4.77 14.03 -0.89
N ARG A 57 -3.81 14.21 0.04
CA ARG A 57 -4.13 14.37 1.45
C ARG A 57 -4.95 15.66 1.65
N ASP A 58 -4.56 16.74 0.95
CA ASP A 58 -5.26 18.02 1.06
C ASP A 58 -6.66 17.95 0.52
N MET A 59 -6.86 17.23 -0.58
CA MET A 59 -8.19 17.07 -1.16
C MET A 59 -9.07 16.16 -0.28
N LEU A 60 -8.47 15.20 0.43
CA LEU A 60 -9.23 14.30 1.29
C LEU A 60 -9.52 14.89 2.67
N ASP A 61 -8.75 15.92 3.10
CA ASP A 61 -8.95 16.59 4.39
C ASP A 61 -9.97 17.70 4.23
N ALA A 62 -11.20 17.32 3.83
CA ALA A 62 -12.31 18.24 3.60
C ALA A 62 -13.64 17.59 4.02
N GLU A 63 -14.66 18.42 4.28
CA GLU A 63 -15.99 17.93 4.69
C GLU A 63 -16.61 17.04 3.62
N VAL A 64 -16.69 17.54 2.37
CA VAL A 64 -17.21 16.75 1.27
C VAL A 64 -16.22 16.75 0.09
N ILE A 65 -16.16 15.62 -0.62
CA ILE A 65 -15.30 15.41 -1.77
C ILE A 65 -16.26 15.14 -2.93
N ASP A 66 -16.42 16.11 -3.84
CA ASP A 66 -17.37 15.96 -4.94
C ASP A 66 -16.86 15.03 -6.05
N GLU A 67 -17.72 14.72 -7.06
CA GLU A 67 -17.36 13.86 -8.18
C GLU A 67 -16.17 14.43 -8.99
N THR A 68 -16.00 15.76 -8.99
CA THR A 68 -14.92 16.46 -9.71
C THR A 68 -13.61 16.29 -8.98
N LYS A 69 -13.60 16.48 -7.66
CA LYS A 69 -12.40 16.30 -6.87
C LYS A 69 -11.99 14.82 -6.80
N THR A 70 -12.97 13.89 -6.89
CA THR A 70 -12.70 12.45 -6.88
C THR A 70 -11.96 12.04 -8.15
N LEU A 71 -12.33 12.60 -9.29
CA LEU A 71 -11.65 12.34 -10.56
C LEU A 71 -10.19 12.79 -10.51
N GLU A 72 -9.93 13.91 -9.84
CA GLU A 72 -8.58 14.42 -9.74
C GLU A 72 -7.73 13.52 -8.87
N ILE A 73 -8.30 13.05 -7.75
CA ILE A 73 -7.67 12.11 -6.83
C ILE A 73 -7.35 10.79 -7.55
N VAL A 74 -8.31 10.27 -8.32
CA VAL A 74 -8.11 9.05 -9.10
C VAL A 74 -6.94 9.22 -10.10
N LYS A 75 -6.88 10.37 -10.80
CA LYS A 75 -5.84 10.65 -11.79
C LYS A 75 -4.47 10.62 -11.14
N ARG A 76 -4.35 11.31 -10.01
CA ARG A 76 -3.07 11.38 -9.31
C ARG A 76 -2.66 10.06 -8.69
N LEU A 77 -3.64 9.24 -8.25
CA LEU A 77 -3.30 7.92 -7.71
C LEU A 77 -2.80 7.04 -8.85
N ASN A 78 -3.46 7.10 -10.00
CA ASN A 78 -3.04 6.34 -11.17
C ASN A 78 -1.64 6.75 -11.64
N ARG A 79 -1.27 8.02 -11.45
CA ARG A 79 0.04 8.52 -11.83
C ARG A 79 1.10 7.87 -10.92
N VAL A 80 0.80 7.78 -9.61
CA VAL A 80 1.67 7.12 -8.63
C VAL A 80 1.85 5.64 -9.01
N VAL A 81 0.78 4.96 -9.46
CA VAL A 81 0.86 3.57 -9.91
C VAL A 81 1.91 3.40 -11.01
N LEU A 82 1.82 4.25 -12.06
CA LEU A 82 2.76 4.23 -13.18
C LEU A 82 4.20 4.54 -12.74
N ILE A 83 4.39 5.48 -11.79
CA ILE A 83 5.74 5.80 -11.29
C ILE A 83 6.28 4.61 -10.48
N LEU A 84 5.42 3.92 -9.71
CA LEU A 84 5.83 2.74 -8.95
C LEU A 84 6.22 1.58 -9.84
N LYS A 85 5.55 1.39 -10.99
CA LYS A 85 5.91 0.35 -11.93
C LYS A 85 7.29 0.65 -12.52
N LEU A 86 7.55 1.92 -12.86
CA LEU A 86 8.82 2.37 -13.39
C LEU A 86 9.93 2.13 -12.37
N LEU A 87 9.65 2.43 -11.09
CA LEU A 87 10.59 2.22 -10.01
C LEU A 87 10.88 0.75 -9.81
N VAL A 88 9.86 -0.12 -9.93
CA VAL A 88 10.10 -1.58 -9.87
C VAL A 88 11.03 -1.99 -11.02
N ASP A 89 10.74 -1.50 -12.27
CA ASP A 89 11.52 -1.75 -13.48
C ASP A 89 12.96 -1.20 -13.42
N GLN A 90 13.26 -0.27 -12.50
CA GLN A 90 14.63 0.26 -12.38
C GLN A 90 15.58 -0.76 -11.75
N VAL A 91 15.07 -1.74 -10.99
CA VAL A 91 15.90 -2.75 -10.35
C VAL A 91 16.75 -3.54 -11.38
N PRO A 92 16.19 -4.15 -12.46
CA PRO A 92 17.05 -4.88 -13.40
C PRO A 92 18.17 -4.04 -14.05
N ILE A 93 18.03 -2.72 -14.05
CA ILE A 93 19.07 -1.86 -14.59
C ILE A 93 20.26 -1.89 -13.64
N LEU A 94 20.03 -1.81 -12.34
CA LEU A 94 21.12 -1.85 -11.36
C LEU A 94 21.64 -3.28 -11.17
N GLU A 95 20.77 -4.31 -11.38
CA GLU A 95 21.17 -5.74 -11.37
C GLU A 95 22.12 -6.10 -12.52
N THR A 96 22.43 -5.16 -13.38
CA THR A 96 23.33 -5.28 -14.51
C THR A 96 24.81 -5.20 -14.05
N MET A 97 25.06 -4.57 -12.87
CA MET A 97 26.34 -4.46 -12.18
C MET A 97 26.62 -5.82 -11.55
N THR A 98 27.87 -6.29 -11.63
CA THR A 98 28.24 -7.59 -11.06
C THR A 98 28.58 -7.49 -9.57
N PRO A 99 28.36 -8.57 -8.78
CA PRO A 99 28.76 -8.53 -7.36
C PRO A 99 30.20 -8.12 -7.10
N LEU A 100 31.17 -8.61 -7.90
CA LEU A 100 32.58 -8.23 -7.73
C LEU A 100 32.83 -6.76 -8.00
N ASP A 101 32.11 -6.14 -8.95
CA ASP A 101 32.28 -4.70 -9.21
C ASP A 101 31.72 -3.91 -8.03
N PHE A 102 30.58 -4.34 -7.47
CA PHE A 102 29.98 -3.70 -6.31
C PHE A 102 30.90 -3.86 -5.08
N MET A 103 31.51 -5.03 -4.90
CA MET A 103 32.41 -5.31 -3.79
C MET A 103 33.61 -4.35 -3.76
N ASP A 104 34.08 -3.88 -4.95
CA ASP A 104 35.20 -2.95 -5.09
C ASP A 104 34.89 -1.50 -4.70
N PHE A 105 33.62 -1.17 -4.38
CA PHE A 105 33.29 0.20 -3.96
C PHE A 105 32.34 0.26 -2.78
N ARG A 106 31.74 -0.88 -2.37
CA ARG A 106 30.85 -0.86 -1.21
C ARG A 106 31.56 -0.41 0.09
N LYS A 107 32.92 -0.41 0.11
CA LYS A 107 33.68 0.04 1.28
C LYS A 107 33.47 1.53 1.53
N TYR A 108 33.35 2.33 0.46
CA TYR A 108 33.10 3.78 0.55
C TYR A 108 31.68 4.14 1.08
N LEU A 109 30.78 3.15 1.16
CA LEU A 109 29.40 3.33 1.58
C LEU A 109 29.19 3.02 3.07
N ALA A 110 30.22 2.51 3.80
CA ALA A 110 30.13 2.11 5.21
C ALA A 110 29.15 2.94 6.10
N PRO A 111 29.24 4.29 6.19
CA PRO A 111 28.29 5.02 7.05
C PRO A 111 26.87 5.15 6.48
N ALA A 112 26.76 5.15 5.13
CA ALA A 112 25.49 5.27 4.42
C ALA A 112 24.62 4.04 4.66
N SER A 113 23.30 4.22 4.56
CA SER A 113 22.36 3.14 4.74
C SER A 113 21.04 3.48 4.04
N GLY A 114 20.38 2.47 3.48
CA GLY A 114 19.07 2.64 2.86
C GLY A 114 18.04 3.15 3.85
N PHE A 115 18.25 2.86 5.15
CA PHE A 115 17.42 3.35 6.25
C PHE A 115 17.43 4.88 6.35
N GLN A 116 18.50 5.53 5.87
CA GLN A 116 18.66 6.98 5.84
C GLN A 116 17.93 7.68 4.66
N SER A 117 17.08 6.95 3.89
CA SER A 117 16.30 7.61 2.84
C SER A 117 15.09 8.24 3.51
N LEU A 118 15.16 9.56 3.67
CA LEU A 118 14.10 10.34 4.27
C LEU A 118 12.84 10.23 3.44
N GLN A 119 12.98 10.34 2.11
CA GLN A 119 11.84 10.26 1.21
C GLN A 119 11.15 8.91 1.20
N PHE A 120 11.90 7.79 1.36
CA PHE A 120 11.24 6.49 1.38
C PHE A 120 10.38 6.35 2.61
N ARG A 121 10.86 6.84 3.77
CA ARG A 121 10.12 6.80 5.03
C ARG A 121 8.92 7.71 4.95
N LEU A 122 9.07 8.91 4.39
CA LEU A 122 7.99 9.87 4.21
C LEU A 122 6.86 9.26 3.37
N ILE A 123 7.22 8.46 2.33
CA ILE A 123 6.27 7.76 1.48
C ILE A 123 5.50 6.73 2.33
N GLU A 124 6.22 5.85 3.04
CA GLU A 124 5.58 4.87 3.93
C GLU A 124 4.61 5.51 4.95
N ASN A 125 5.04 6.61 5.58
CA ASN A 125 4.22 7.29 6.58
C ASN A 125 3.04 7.98 5.99
N LYS A 126 3.23 8.72 4.89
CA LYS A 126 2.12 9.42 4.25
C LYS A 126 1.08 8.45 3.71
N LEU A 127 1.47 7.23 3.29
CA LEU A 127 0.51 6.24 2.84
C LEU A 127 -0.22 5.65 4.06
N GLY A 128 0.53 5.35 5.13
CA GLY A 128 -0.08 4.86 6.35
C GLY A 128 0.57 3.70 7.06
N VAL A 129 1.86 3.43 6.81
CA VAL A 129 2.56 2.36 7.50
C VAL A 129 2.66 2.72 8.99
N LEU A 130 1.87 1.99 9.81
CA LEU A 130 1.76 2.20 11.26
C LEU A 130 3.09 2.00 11.94
N THR A 131 3.43 2.89 12.88
CA THR A 131 4.71 2.83 13.59
C THR A 131 4.78 1.59 14.50
N GLU A 132 3.64 1.21 15.11
CA GLU A 132 3.59 0.03 15.98
C GLU A 132 3.66 -1.29 15.19
N GLN A 133 3.16 -1.32 13.93
CA GLN A 133 3.20 -2.52 13.07
C GLN A 133 4.59 -2.80 12.46
N ARG A 134 5.52 -1.84 12.55
CA ARG A 134 6.88 -2.01 12.04
C ARG A 134 7.68 -3.00 12.89
N VAL A 135 8.61 -3.70 12.24
CA VAL A 135 9.54 -4.65 12.87
C VAL A 135 10.60 -3.82 13.66
N ARG A 136 10.99 -4.27 14.88
CA ARG A 136 11.92 -3.53 15.74
C ARG A 136 13.31 -3.21 15.09
N TYR A 137 14.20 -4.20 14.87
CA TYR A 137 15.53 -3.98 14.26
C TYR A 137 16.32 -2.76 14.84
N SER A 142 13.64 5.70 12.33
CA SER A 142 13.24 7.06 12.73
C SER A 142 14.37 7.77 13.49
N ASP A 143 15.10 7.02 14.33
CA ASP A 143 16.24 7.56 15.09
C ASP A 143 17.58 7.49 14.32
N VAL A 144 17.57 6.91 13.10
CA VAL A 144 18.71 6.79 12.18
C VAL A 144 19.10 8.19 11.66
N PHE A 145 18.09 9.03 11.44
CA PHE A 145 18.18 10.38 10.94
C PHE A 145 18.85 11.33 11.93
N SER A 146 20.11 11.65 11.70
CA SER A 146 20.89 12.55 12.55
C SER A 146 20.46 14.02 12.41
N ASP A 147 20.08 14.45 11.19
CA ASP A 147 19.64 15.84 10.95
C ASP A 147 18.34 16.17 11.69
N GLU A 148 18.14 17.43 12.08
CA GLU A 148 16.92 17.81 12.80
C GLU A 148 15.75 18.08 11.87
N GLU A 149 16.00 18.56 10.64
CA GLU A 149 14.93 18.76 9.68
C GLU A 149 14.34 17.42 9.20
N ALA A 150 15.18 16.36 9.16
CA ALA A 150 14.74 15.02 8.78
C ALA A 150 13.87 14.45 9.90
N ARG A 151 14.30 14.62 11.17
CA ARG A 151 13.54 14.15 12.33
C ARG A 151 12.21 14.90 12.45
N ASN A 152 12.21 16.19 12.13
CA ASN A 152 11.01 17.02 12.15
C ASN A 152 10.07 16.61 11.01
N SER A 153 10.62 16.25 9.83
CA SER A 153 9.84 15.80 8.67
C SER A 153 9.11 14.51 9.01
N ILE A 154 9.78 13.57 9.66
CA ILE A 154 9.18 12.30 10.04
C ILE A 154 8.14 12.46 11.13
N ARG A 155 8.42 13.33 12.12
CA ARG A 155 7.52 13.65 13.23
C ARG A 155 6.19 14.17 12.68
N ASN A 156 6.25 15.10 11.73
CA ASN A 156 5.07 15.66 11.08
C ASN A 156 4.33 14.61 10.25
N SER A 157 5.04 13.70 9.56
CA SER A 157 4.39 12.66 8.76
C SER A 157 3.62 11.65 9.61
N GLU A 158 4.12 11.38 10.83
CA GLU A 158 3.44 10.47 11.76
C GLU A 158 2.27 11.18 12.44
N LYS A 159 2.45 12.47 12.79
CA LYS A 159 1.46 13.31 13.46
C LYS A 159 0.28 13.66 12.55
N ASP A 160 0.56 14.23 11.37
CA ASP A 160 -0.46 14.60 10.38
C ASP A 160 -1.18 13.35 9.88
N PRO A 161 -2.45 13.47 9.48
CA PRO A 161 -3.18 12.28 9.01
C PRO A 161 -2.64 11.68 7.73
N SER A 162 -2.47 10.37 7.72
CA SER A 162 -1.99 9.59 6.60
C SER A 162 -3.11 9.41 5.54
N LEU A 163 -2.77 8.80 4.41
CA LEU A 163 -3.73 8.48 3.38
C LEU A 163 -4.75 7.45 3.91
N LEU A 164 -4.31 6.51 4.76
CA LEU A 164 -5.16 5.49 5.40
C LEU A 164 -6.25 6.13 6.28
N GLU A 165 -5.89 7.11 7.14
CA GLU A 165 -6.86 7.79 8.00
C GLU A 165 -7.86 8.58 7.16
N LEU A 166 -7.37 9.36 6.17
CA LEU A 166 -8.25 10.20 5.37
C LEU A 166 -9.18 9.39 4.49
N VAL A 167 -8.72 8.23 3.99
CA VAL A 167 -9.56 7.38 3.17
C VAL A 167 -10.66 6.77 4.03
N GLN A 168 -10.33 6.37 5.28
CA GLN A 168 -11.30 5.83 6.23
C GLN A 168 -12.40 6.85 6.53
N ARG A 169 -12.03 8.15 6.77
CA ARG A 169 -13.00 9.22 7.02
C ARG A 169 -13.96 9.37 5.87
N TRP A 170 -13.46 9.33 4.63
CA TRP A 170 -14.23 9.44 3.39
C TRP A 170 -15.17 8.23 3.19
N LEU A 171 -14.69 7.05 3.57
CA LEU A 171 -15.39 5.79 3.51
C LEU A 171 -16.53 5.73 4.54
N GLU A 172 -16.31 6.28 5.76
CA GLU A 172 -17.32 6.35 6.82
C GLU A 172 -18.49 7.25 6.40
N ARG A 173 -18.20 8.32 5.63
CA ARG A 173 -19.24 9.24 5.15
C ARG A 173 -19.98 8.75 3.92
N THR A 174 -19.90 7.45 3.59
CA THR A 174 -20.56 6.92 2.42
C THR A 174 -22.07 7.05 2.51
N PRO A 175 -22.67 7.79 1.56
CA PRO A 175 -24.14 7.88 1.55
C PRO A 175 -24.71 6.52 1.12
N GLY A 176 -25.76 6.09 1.80
CA GLY A 176 -26.33 4.77 1.52
C GLY A 176 -26.16 3.85 2.71
N LEU A 177 -25.10 4.08 3.52
CA LEU A 177 -24.88 3.33 4.75
C LEU A 177 -25.92 3.75 5.81
N GLU A 178 -26.34 5.04 5.77
CA GLU A 178 -27.30 5.66 6.68
C GLU A 178 -28.66 4.98 6.77
N GLU A 179 -29.00 4.63 8.01
CA GLU A 179 -30.24 4.01 8.50
C GLU A 179 -31.47 4.83 8.06
N SER A 180 -31.35 6.17 8.17
CA SER A 180 -32.35 7.18 7.80
C SER A 180 -32.74 7.10 6.31
N GLY A 181 -31.81 6.64 5.48
CA GLY A 181 -32.02 6.54 4.04
C GLY A 181 -32.04 5.12 3.51
N PHE A 182 -30.97 4.73 2.80
CA PHE A 182 -30.87 3.42 2.15
C PHE A 182 -30.71 2.26 3.15
N ASN A 183 -29.97 2.48 4.24
CA ASN A 183 -29.68 1.48 5.27
C ASN A 183 -29.12 0.19 4.64
N PHE A 184 -27.94 0.32 4.03
CA PHE A 184 -27.31 -0.79 3.31
C PHE A 184 -26.92 -1.93 4.23
N TRP A 185 -26.26 -1.63 5.36
CA TRP A 185 -25.75 -2.67 6.24
C TRP A 185 -26.80 -3.65 6.73
N ALA A 186 -27.99 -3.15 7.07
CA ALA A 186 -29.07 -4.00 7.55
C ALA A 186 -29.66 -4.80 6.38
N LYS A 187 -29.80 -4.18 5.21
CA LYS A 187 -30.32 -4.87 4.03
C LYS A 187 -29.39 -6.02 3.61
N PHE A 188 -28.07 -5.80 3.76
CA PHE A 188 -27.01 -6.75 3.46
C PHE A 188 -27.07 -7.91 4.46
N GLN A 189 -27.19 -7.61 5.76
CA GLN A 189 -27.34 -8.64 6.80
C GLN A 189 -28.54 -9.55 6.53
N GLU A 190 -29.73 -8.97 6.27
CA GLU A 190 -30.92 -9.78 6.08
C GLU A 190 -30.96 -10.50 4.72
N SER A 191 -30.23 -10.01 3.71
CA SER A 191 -30.14 -10.74 2.44
C SER A 191 -29.09 -11.86 2.54
N VAL A 192 -28.06 -11.69 3.39
CA VAL A 192 -27.06 -12.72 3.67
C VAL A 192 -27.79 -13.89 4.36
N ASP A 193 -28.64 -13.57 5.38
CA ASP A 193 -29.42 -14.56 6.11
C ASP A 193 -30.37 -15.32 5.19
N ARG A 194 -31.07 -14.60 4.30
CA ARG A 194 -32.01 -15.16 3.36
C ARG A 194 -31.30 -16.05 2.33
N PHE A 195 -30.09 -15.65 1.89
CA PHE A 195 -29.34 -16.37 0.88
C PHE A 195 -28.73 -17.63 1.47
N LEU A 196 -28.14 -17.50 2.65
CA LEU A 196 -27.52 -18.63 3.33
C LEU A 196 -28.53 -19.70 3.74
N GLU A 197 -29.78 -19.31 4.08
CA GLU A 197 -30.81 -20.29 4.41
C GLU A 197 -31.25 -21.02 3.14
N ALA A 198 -31.42 -20.28 2.03
CA ALA A 198 -31.78 -20.89 0.75
C ALA A 198 -30.74 -21.93 0.30
N GLN A 199 -29.46 -21.70 0.66
CA GLN A 199 -28.35 -22.58 0.38
C GLN A 199 -28.44 -23.85 1.24
N VAL A 200 -28.96 -23.73 2.47
CA VAL A 200 -29.19 -24.87 3.37
C VAL A 200 -30.32 -25.72 2.78
N GLN A 201 -31.42 -25.09 2.39
CA GLN A 201 -32.55 -25.80 1.79
C GLN A 201 -32.20 -26.53 0.50
N SER A 202 -31.32 -25.96 -0.34
CA SER A 202 -30.88 -26.59 -1.58
C SER A 202 -29.95 -27.78 -1.29
N ALA A 203 -29.08 -27.63 -0.28
CA ALA A 203 -28.17 -28.69 0.14
C ALA A 203 -28.94 -29.86 0.77
N MET A 204 -30.07 -29.57 1.46
CA MET A 204 -30.92 -30.59 2.06
C MET A 204 -31.51 -31.53 0.99
N GLU A 205 -31.73 -31.00 -0.22
CA GLU A 205 -32.28 -31.78 -1.33
C GLU A 205 -31.22 -32.53 -2.15
N GLU A 206 -29.98 -32.62 -1.66
CA GLU A 206 -28.91 -33.30 -2.38
C GLU A 206 -29.08 -34.82 -2.38
N PRO A 207 -29.04 -35.45 -3.56
CA PRO A 207 -29.19 -36.91 -3.62
C PRO A 207 -28.03 -37.66 -2.95
N VAL A 208 -26.81 -37.09 -2.99
CA VAL A 208 -25.66 -37.74 -2.37
C VAL A 208 -25.39 -37.13 -1.01
N GLU A 209 -24.99 -37.94 -0.04
CA GLU A 209 -24.74 -37.48 1.31
C GLU A 209 -23.41 -36.71 1.44
N LYS A 210 -22.33 -37.14 0.74
CA LYS A 210 -21.05 -36.42 0.81
C LYS A 210 -21.19 -34.98 0.28
N ALA A 211 -22.04 -34.80 -0.77
CA ALA A 211 -22.31 -33.53 -1.41
C ALA A 211 -23.17 -32.64 -0.51
N LYS A 212 -24.19 -33.24 0.14
CA LYS A 212 -25.05 -32.54 1.08
C LYS A 212 -24.21 -32.04 2.27
N ASN A 213 -23.30 -32.90 2.76
CA ASN A 213 -22.43 -32.61 3.90
C ASN A 213 -21.39 -31.62 3.59
N TYR A 214 -20.84 -31.65 2.36
CA TYR A 214 -19.82 -30.67 1.98
C TYR A 214 -20.48 -29.29 1.91
N ARG A 215 -21.64 -29.20 1.27
CA ARG A 215 -22.37 -27.96 1.17
C ARG A 215 -22.72 -27.36 2.53
N LEU A 216 -23.11 -28.23 3.49
CA LEU A 216 -23.49 -27.82 4.84
C LEU A 216 -22.29 -27.35 5.66
N MET A 217 -21.14 -28.06 5.52
CA MET A 217 -19.90 -27.64 6.18
C MET A 217 -19.47 -26.26 5.60
N ASP A 218 -19.58 -26.11 4.28
CA ASP A 218 -19.24 -24.88 3.60
C ASP A 218 -20.12 -23.69 4.07
N ILE A 219 -21.47 -23.89 4.18
CA ILE A 219 -22.39 -22.85 4.68
C ILE A 219 -22.03 -22.40 6.10
N GLU A 220 -21.50 -23.32 6.91
CA GLU A 220 -21.08 -23.02 8.27
C GLU A 220 -19.86 -22.11 8.27
N LYS A 221 -18.92 -22.35 7.34
CA LYS A 221 -17.75 -21.51 7.19
C LYS A 221 -18.17 -20.11 6.68
N ARG A 222 -19.19 -20.05 5.80
CA ARG A 222 -19.72 -18.78 5.33
C ARG A 222 -20.32 -17.98 6.52
N ARG A 223 -21.13 -18.66 7.39
CA ARG A 223 -21.73 -18.07 8.60
C ARG A 223 -20.68 -17.38 9.47
N GLU A 224 -19.51 -18.01 9.63
CA GLU A 224 -18.43 -17.49 10.43
C GLU A 224 -17.76 -16.28 9.79
N VAL A 225 -17.65 -16.28 8.45
CA VAL A 225 -17.09 -15.17 7.68
C VAL A 225 -17.97 -13.92 7.90
N TYR A 226 -19.28 -14.08 7.73
CA TYR A 226 -20.20 -12.97 7.94
C TYR A 226 -20.29 -12.53 9.40
N ARG A 227 -20.00 -13.43 10.34
CA ARG A 227 -19.98 -13.12 11.75
C ARG A 227 -18.84 -12.13 12.04
N SER A 228 -17.66 -12.33 11.40
CA SER A 228 -16.50 -11.44 11.57
C SER A 228 -16.76 -9.98 11.14
N ILE A 229 -17.80 -9.74 10.32
CA ILE A 229 -18.13 -8.40 9.89
C ILE A 229 -19.46 -7.90 10.45
N PHE A 230 -20.40 -8.79 10.80
CA PHE A 230 -21.68 -8.35 11.35
C PHE A 230 -21.61 -8.16 12.87
N ASP A 231 -20.73 -8.89 13.56
CA ASP A 231 -20.54 -8.70 14.99
C ASP A 231 -19.38 -7.72 15.10
N PRO A 232 -19.66 -6.48 15.56
CA PRO A 232 -18.58 -5.48 15.65
C PRO A 232 -17.50 -5.83 16.65
N ALA A 233 -17.81 -6.69 17.64
CA ALA A 233 -16.83 -7.12 18.61
C ALA A 233 -15.76 -7.97 17.93
N VAL A 234 -16.16 -8.80 16.93
CA VAL A 234 -15.21 -9.65 16.20
C VAL A 234 -14.33 -8.80 15.30
N HIS A 235 -14.93 -7.82 14.57
CA HIS A 235 -14.17 -6.91 13.72
C HIS A 235 -13.18 -6.10 14.56
N ASP A 236 -13.66 -5.46 15.65
CA ASP A 236 -12.82 -4.65 16.53
C ASP A 236 -11.70 -5.46 17.17
N ALA A 237 -11.89 -6.78 17.36
CA ALA A 237 -10.83 -7.61 17.91
C ALA A 237 -9.78 -7.91 16.84
N LEU A 238 -10.21 -8.13 15.59
CA LEU A 238 -9.32 -8.35 14.45
C LEU A 238 -8.51 -7.10 14.14
N VAL A 239 -9.10 -5.90 14.32
CA VAL A 239 -8.38 -4.64 14.11
C VAL A 239 -7.26 -4.54 15.15
N ARG A 240 -7.59 -4.87 16.41
CA ARG A 240 -6.68 -4.87 17.56
C ARG A 240 -5.50 -5.82 17.34
N ARG A 241 -5.77 -7.05 16.83
CA ARG A 241 -4.74 -8.06 16.53
C ARG A 241 -3.76 -7.60 15.42
N GLY A 242 -4.22 -6.70 14.55
CA GLY A 242 -3.44 -6.21 13.43
C GLY A 242 -3.83 -6.82 12.10
N ASP A 243 -4.85 -7.70 12.10
CA ASP A 243 -5.36 -8.36 10.90
C ASP A 243 -6.26 -7.45 10.05
N ARG A 244 -6.74 -6.34 10.64
CA ARG A 244 -7.52 -5.34 9.94
C ARG A 244 -7.01 -3.94 10.32
N ARG A 245 -7.27 -2.97 9.44
CA ARG A 245 -6.87 -1.58 9.66
C ARG A 245 -8.09 -0.67 9.80
N PHE A 246 -9.13 -0.94 9.02
CA PHE A 246 -10.30 -0.11 8.91
C PHE A 246 -11.21 -0.12 10.09
N SER A 247 -11.88 1.00 10.32
CA SER A 247 -12.90 1.09 11.33
C SER A 247 -14.11 0.27 10.80
N HIS A 248 -15.03 -0.13 11.69
CA HIS A 248 -16.20 -0.91 11.27
C HIS A 248 -17.06 -0.16 10.26
N ARG A 249 -17.18 1.17 10.40
CA ARG A 249 -17.95 1.97 9.45
C ARG A 249 -17.23 2.18 8.11
N ALA A 250 -15.88 2.31 8.14
CA ALA A 250 -15.12 2.45 6.89
C ALA A 250 -15.21 1.14 6.10
N LEU A 251 -15.12 -0.01 6.78
CA LEU A 251 -15.28 -1.32 6.13
C LEU A 251 -16.67 -1.45 5.48
N GLN A 252 -17.73 -0.93 6.12
CA GLN A 252 -19.07 -0.97 5.55
C GLN A 252 -19.15 -0.18 4.23
N GLY A 253 -18.49 0.97 4.21
CA GLY A 253 -18.44 1.81 3.02
C GLY A 253 -17.68 1.12 1.91
N ALA A 254 -16.48 0.61 2.24
CA ALA A 254 -15.64 -0.13 1.30
C ALA A 254 -16.39 -1.31 0.69
N ILE A 255 -17.12 -2.10 1.51
CA ILE A 255 -17.91 -3.24 1.04
C ILE A 255 -19.04 -2.79 0.13
N MET A 256 -19.71 -1.68 0.46
CA MET A 256 -20.79 -1.14 -0.38
C MET A 256 -20.26 -0.63 -1.72
N ILE A 257 -19.09 0.03 -1.73
CA ILE A 257 -18.48 0.51 -2.97
C ILE A 257 -18.16 -0.70 -3.89
N THR A 258 -17.59 -1.79 -3.33
CA THR A 258 -17.27 -2.98 -4.12
C THR A 258 -18.50 -3.71 -4.64
N PHE A 259 -19.62 -3.60 -3.94
CA PHE A 259 -20.85 -4.27 -4.34
C PHE A 259 -21.49 -3.56 -5.51
N TYR A 260 -21.51 -2.22 -5.49
CA TYR A 260 -22.17 -1.46 -6.53
C TYR A 260 -21.21 -0.77 -7.50
N ARG A 261 -19.98 -1.30 -7.66
CA ARG A 261 -18.97 -0.73 -8.54
C ARG A 261 -19.42 -0.50 -9.98
N ASP A 262 -20.29 -1.36 -10.52
CA ASP A 262 -20.82 -1.20 -11.88
C ASP A 262 -21.76 0.01 -12.03
N GLU A 263 -22.24 0.58 -10.92
CA GLU A 263 -23.11 1.73 -10.95
C GLU A 263 -22.28 2.98 -11.08
N PRO A 264 -22.66 3.88 -12.02
CA PRO A 264 -21.93 5.15 -12.19
C PRO A 264 -21.54 5.90 -10.93
N ARG A 265 -22.40 5.89 -9.92
CA ARG A 265 -22.14 6.60 -8.66
C ARG A 265 -20.97 6.03 -7.87
N PHE A 266 -20.73 4.74 -8.00
CA PHE A 266 -19.68 4.08 -7.23
C PHE A 266 -18.46 3.67 -8.04
N SER A 267 -18.50 3.78 -9.37
CA SER A 267 -17.36 3.38 -10.19
C SER A 267 -16.12 4.20 -9.88
N GLN A 268 -16.27 5.53 -9.69
CA GLN A 268 -15.10 6.34 -9.38
C GLN A 268 -14.60 6.07 -7.98
N PRO A 269 -15.45 6.04 -6.91
CA PRO A 269 -14.94 5.63 -5.59
C PRO A 269 -14.28 4.24 -5.60
N HIS A 270 -14.79 3.32 -6.44
CA HIS A 270 -14.20 2.01 -6.57
C HIS A 270 -12.79 2.06 -7.16
N GLN A 271 -12.62 2.82 -8.23
CA GLN A 271 -11.35 3.02 -8.89
C GLN A 271 -10.32 3.62 -7.91
N LEU A 272 -10.74 4.57 -7.06
CA LEU A 272 -9.86 5.17 -6.06
C LEU A 272 -9.32 4.07 -5.10
N LEU A 273 -10.21 3.18 -4.66
CA LEU A 273 -9.89 2.06 -3.76
C LEU A 273 -8.94 1.05 -4.48
N THR A 274 -9.26 0.70 -5.74
CA THR A 274 -8.40 -0.18 -6.55
C THR A 274 -6.98 0.40 -6.72
N LEU A 275 -6.85 1.71 -7.00
CA LEU A 275 -5.54 2.33 -7.18
C LEU A 275 -4.75 2.34 -5.88
N LEU A 276 -5.46 2.50 -4.75
CA LEU A 276 -4.88 2.44 -3.39
C LEU A 276 -4.29 1.05 -3.11
N MET A 277 -4.96 0.00 -3.60
CA MET A 277 -4.55 -1.41 -3.52
C MET A 277 -3.34 -1.67 -4.42
N ASP A 278 -3.37 -1.15 -5.67
CA ASP A 278 -2.31 -1.26 -6.66
C ASP A 278 -1.03 -0.60 -6.13
N ILE A 279 -1.16 0.53 -5.43
CA ILE A 279 -0.03 1.22 -4.83
C ILE A 279 0.63 0.33 -3.78
N ASP A 280 -0.18 -0.25 -2.88
CA ASP A 280 0.29 -1.14 -1.83
C ASP A 280 1.04 -2.32 -2.40
N SER A 281 0.42 -2.95 -3.40
CA SER A 281 0.90 -4.12 -4.08
C SER A 281 2.23 -3.82 -4.82
N LEU A 282 2.36 -2.63 -5.48
CA LEU A 282 3.56 -2.20 -6.21
C LEU A 282 4.73 -1.82 -5.29
N ILE A 283 4.45 -1.26 -4.11
CA ILE A 283 5.49 -1.00 -3.09
C ILE A 283 6.01 -2.36 -2.55
N THR A 284 5.09 -3.34 -2.43
CA THR A 284 5.50 -4.68 -2.02
C THR A 284 6.38 -5.30 -3.11
N LYS A 285 6.03 -5.12 -4.41
CA LYS A 285 6.82 -5.63 -5.53
C LYS A 285 8.23 -5.02 -5.57
N TRP A 286 8.35 -3.72 -5.22
CA TRP A 286 9.65 -3.09 -5.14
C TRP A 286 10.46 -3.73 -4.01
N ARG A 287 9.85 -3.90 -2.82
CA ARG A 287 10.52 -4.52 -1.67
C ARG A 287 11.08 -5.90 -1.99
N TYR A 288 10.30 -6.71 -2.73
CA TYR A 288 10.70 -8.04 -3.14
C TYR A 288 11.87 -7.98 -4.10
N ASN A 289 11.78 -7.17 -5.17
CA ASN A 289 12.84 -7.03 -6.15
C ASN A 289 14.13 -6.47 -5.55
N HIS A 290 14.00 -5.56 -4.58
CA HIS A 290 15.14 -5.02 -3.85
C HIS A 290 15.81 -6.11 -2.98
N VAL A 291 15.02 -7.01 -2.33
CA VAL A 291 15.63 -8.07 -1.50
C VAL A 291 16.31 -9.14 -2.39
N ILE A 292 15.79 -9.38 -3.61
CA ILE A 292 16.36 -10.29 -4.61
C ILE A 292 17.69 -9.68 -5.10
N MET A 293 17.72 -8.38 -5.37
CA MET A 293 18.92 -7.68 -5.82
C MET A 293 19.97 -7.64 -4.71
N VAL A 294 19.56 -7.40 -3.43
CA VAL A 294 20.49 -7.42 -2.28
C VAL A 294 21.16 -8.83 -2.24
N GLN A 295 20.33 -9.88 -2.28
CA GLN A 295 20.75 -11.27 -2.32
C GLN A 295 21.71 -11.57 -3.49
N ARG A 296 21.43 -11.05 -4.68
CA ARG A 296 22.29 -11.27 -5.84
C ARG A 296 23.65 -10.63 -5.66
N MET A 297 23.67 -9.43 -5.05
CA MET A 297 24.89 -8.66 -4.85
C MET A 297 25.78 -9.14 -3.67
N ILE A 298 25.20 -9.30 -2.47
CA ILE A 298 25.96 -9.68 -1.27
C ILE A 298 25.33 -10.82 -0.47
N GLY A 299 24.47 -11.61 -1.09
CA GLY A 299 23.83 -12.74 -0.43
C GLY A 299 23.04 -12.34 0.80
N SER A 300 22.87 -13.29 1.72
CA SER A 300 22.18 -13.00 2.98
C SER A 300 23.08 -12.24 3.97
N GLN A 301 24.41 -12.28 3.77
CA GLN A 301 25.36 -11.63 4.64
C GLN A 301 26.72 -11.53 3.98
N GLN A 302 27.45 -10.46 4.26
CA GLN A 302 28.77 -10.24 3.69
C GLN A 302 29.67 -9.48 4.67
N LEU A 303 30.94 -9.27 4.28
CA LEU A 303 31.93 -8.55 5.05
C LEU A 303 31.46 -7.11 5.30
N GLY A 304 31.11 -6.85 6.54
CA GLY A 304 30.64 -5.55 7.00
C GLY A 304 29.22 -5.60 7.53
N THR A 305 28.47 -6.65 7.22
CA THR A 305 27.07 -6.74 7.57
C THR A 305 26.79 -7.22 8.98
N GLY A 306 27.71 -7.97 9.57
CA GLY A 306 27.48 -8.51 10.90
C GLY A 306 26.38 -9.55 10.88
N GLY A 307 26.42 -10.41 9.87
CA GLY A 307 25.42 -11.46 9.74
C GLY A 307 24.24 -11.09 8.86
N SER A 308 23.22 -11.95 8.86
CA SER A 308 22.02 -11.81 8.04
C SER A 308 20.95 -10.92 8.65
N SER A 309 21.35 -9.96 9.49
CA SER A 309 20.40 -9.08 10.16
C SER A 309 19.60 -8.23 9.14
N GLY A 310 20.32 -7.49 8.30
CA GLY A 310 19.72 -6.65 7.26
C GLY A 310 18.79 -7.41 6.35
N TYR A 311 19.30 -8.48 5.72
CA TYR A 311 18.55 -9.37 4.83
C TYR A 311 17.24 -9.85 5.45
N GLN A 312 17.28 -10.38 6.66
CA GLN A 312 16.08 -10.88 7.32
C GLN A 312 15.07 -9.77 7.63
N TYR A 313 15.55 -8.54 7.91
CA TYR A 313 14.65 -7.43 8.15
C TYR A 313 13.90 -7.11 6.84
N LEU A 314 14.63 -6.99 5.69
CA LEU A 314 14.00 -6.71 4.39
C LEU A 314 13.01 -7.81 4.03
N ARG A 315 13.39 -9.07 4.30
CA ARG A 315 12.56 -10.24 4.04
C ARG A 315 11.26 -10.18 4.88
N SER A 316 11.33 -9.58 6.09
CA SER A 316 10.18 -9.42 6.97
C SER A 316 9.27 -8.25 6.57
N THR A 317 9.79 -7.29 5.77
CA THR A 317 8.95 -6.18 5.25
C THR A 317 7.94 -6.65 4.17
N LEU A 318 8.08 -7.90 3.69
CA LEU A 318 7.16 -8.49 2.73
C LEU A 318 5.83 -8.96 3.36
N SER A 319 5.73 -8.91 4.70
CA SER A 319 4.55 -9.36 5.42
C SER A 319 3.43 -8.33 5.43
N ASP A 320 2.18 -8.79 5.67
CA ASP A 320 0.97 -7.95 5.76
C ASP A 320 1.07 -6.83 6.81
N ARG A 321 2.08 -6.90 7.70
CA ARG A 321 2.39 -5.86 8.71
C ARG A 321 2.73 -4.53 8.03
N TYR A 322 3.21 -4.58 6.77
CA TYR A 322 3.57 -3.40 6.01
C TYR A 322 2.55 -2.97 4.97
N LYS A 323 1.48 -3.76 4.75
CA LYS A 323 0.45 -3.38 3.80
C LYS A 323 -0.53 -2.44 4.47
N VAL A 324 -0.61 -1.21 3.99
CA VAL A 324 -1.48 -0.18 4.56
C VAL A 324 -2.97 -0.47 4.40
N PHE A 325 -3.41 -0.76 3.20
CA PHE A 325 -4.82 -1.03 2.90
C PHE A 325 -5.03 -2.51 2.80
N LEU A 326 -4.63 -3.20 3.85
CA LEU A 326 -4.73 -4.64 4.01
C LEU A 326 -6.16 -5.14 3.75
N ASP A 327 -7.15 -4.44 4.31
CA ASP A 327 -8.59 -4.75 4.25
C ASP A 327 -9.15 -4.84 2.86
N LEU A 328 -8.59 -4.02 1.95
CA LEU A 328 -9.03 -3.92 0.56
C LEU A 328 -8.84 -5.22 -0.23
N PHE A 329 -7.80 -5.99 0.11
CA PHE A 329 -7.54 -7.24 -0.60
C PHE A 329 -8.54 -8.35 -0.23
N ASN A 330 -9.14 -8.29 0.97
CA ASN A 330 -10.05 -9.34 1.41
C ASN A 330 -11.56 -9.04 1.20
N LEU A 331 -11.93 -7.94 0.53
CA LEU A 331 -13.36 -7.60 0.39
C LEU A 331 -14.20 -8.59 -0.40
N SER A 332 -13.58 -9.37 -1.29
CA SER A 332 -14.33 -10.33 -2.10
C SER A 332 -14.75 -11.59 -1.31
N THR A 333 -14.16 -11.82 -0.11
CA THR A 333 -14.52 -12.93 0.80
C THR A 333 -15.99 -12.77 1.27
N PHE A 334 -16.44 -11.52 1.45
CA PHE A 334 -17.77 -11.17 1.95
C PHE A 334 -18.81 -10.92 0.86
N LEU A 335 -18.53 -11.31 -0.38
CA LEU A 335 -19.41 -11.02 -1.50
C LEU A 335 -20.54 -12.02 -1.68
N ILE A 336 -21.72 -11.52 -2.10
CA ILE A 336 -22.92 -12.33 -2.37
C ILE A 336 -23.30 -12.17 -3.84
N PRO A 337 -23.87 -13.21 -4.49
CA PRO A 337 -24.26 -13.07 -5.91
C PRO A 337 -25.07 -11.81 -6.24
N ARG A 338 -25.11 -11.46 -7.53
CA ARG A 338 -25.82 -10.27 -7.99
C ARG A 338 -27.31 -10.34 -7.63
N GLU A 339 -27.92 -11.52 -7.82
CA GLU A 339 -29.32 -11.76 -7.50
C GLU A 339 -29.64 -11.49 -6.02
N ALA A 340 -28.65 -11.61 -5.14
CA ALA A 340 -28.83 -11.42 -3.70
C ALA A 340 -28.50 -10.01 -3.19
N ILE A 341 -28.01 -9.12 -4.06
CA ILE A 341 -27.62 -7.77 -3.62
C ILE A 341 -28.83 -6.83 -3.59
N PRO A 342 -29.03 -6.11 -2.46
CA PRO A 342 -30.16 -5.17 -2.38
C PRO A 342 -30.16 -4.14 -3.50
N PRO A 343 -31.25 -4.08 -4.29
CA PRO A 343 -31.29 -3.14 -5.41
C PRO A 343 -31.21 -1.67 -4.98
N LEU A 344 -30.55 -0.83 -5.79
CA LEU A 344 -30.40 0.58 -5.44
C LEU A 344 -31.65 1.39 -5.76
N ASP A 345 -32.07 2.26 -4.82
CA ASP A 345 -33.25 3.10 -5.01
C ASP A 345 -32.90 4.58 -4.75
N GLU A 346 -32.45 4.91 -3.49
CA GLU A 346 -32.05 6.24 -3.01
C GLU A 346 -33.16 7.30 -3.19
#